data_6JFO
#
_entry.id   6JFO
#
_cell.length_a   94.733
_cell.length_b   120.831
_cell.length_c   47.393
_cell.angle_alpha   90.000
_cell.angle_beta   90.000
_cell.angle_gamma   90.000
#
_symmetry.space_group_name_H-M   'C 2 2 21'
#
loop_
_entity.id
_entity.type
_entity.pdbx_description
1 polymer 'Peptide deformylase'
2 polymer FME-ALA-SER
3 non-polymer 'MAGNESIUM ION'
4 water water
#
loop_
_entity_poly.entity_id
_entity_poly.type
_entity_poly.pdbx_seq_one_letter_code
_entity_poly.pdbx_strand_id
1 'polypeptide(L)'
;MLTMKDIIRDGHPTLRQKAAELELPLTKEEKETLIAMREFLVNSQDEEIAKRYGLRSGVGLAAPQINISKRMIAVLIPDD
GSGKSYDYMLVNPKIVSHSVQEAYLPTGEG(CSD)LSVDDNVAGLVHRHNRITIKAKDIEGNDIQLRLKGYPAIVFQHEI
DHLNGVMFYDHIDKNHPLQPHTDAVEV
;
A
2 'polypeptide(L)' (FME)AS B
#
loop_
_chem_comp.id
_chem_comp.type
_chem_comp.name
_chem_comp.formula
MG non-polymer 'MAGNESIUM ION' 'Mg 2'
#
# COMPACT_ATOMS: atom_id res chain seq x y z
N MET A 1 -18.32 -7.82 -4.03
CA MET A 1 -17.77 -6.49 -3.76
C MET A 1 -17.19 -6.45 -2.37
N LEU A 2 -15.92 -6.03 -2.25
CA LEU A 2 -15.32 -5.81 -0.96
C LEU A 2 -15.77 -4.49 -0.45
N THR A 3 -16.04 -4.38 0.87
CA THR A 3 -16.36 -3.10 1.48
C THR A 3 -15.60 -3.00 2.79
N MET A 4 -15.88 -1.96 3.60
CA MET A 4 -15.10 -1.76 4.80
C MET A 4 -15.23 -2.96 5.73
N LYS A 5 -16.32 -3.71 5.61
CA LYS A 5 -16.47 -4.82 6.58
C LYS A 5 -15.50 -5.94 6.34
N ASP A 6 -14.86 -5.93 5.16
CA ASP A 6 -13.86 -6.92 4.83
C ASP A 6 -12.43 -6.59 5.29
N ILE A 7 -12.22 -5.33 5.66
CA ILE A 7 -10.93 -4.85 6.07
C ILE A 7 -10.78 -5.05 7.56
N ILE A 8 -9.79 -5.85 7.94
CA ILE A 8 -9.46 -6.07 9.31
C ILE A 8 -8.77 -4.86 9.90
N ARG A 9 -8.97 -4.69 11.20
CA ARG A 9 -8.47 -3.55 11.90
C ARG A 9 -7.31 -3.83 12.79
N ASP A 10 -6.58 -2.76 13.04
CA ASP A 10 -5.39 -2.78 13.88
C ASP A 10 -5.69 -3.53 15.17
N GLY A 11 -4.82 -4.48 15.53
CA GLY A 11 -5.04 -5.40 16.64
C GLY A 11 -5.34 -6.77 16.12
N HIS A 12 -5.91 -6.91 14.90
CA HIS A 12 -6.05 -8.22 14.35
C HIS A 12 -4.67 -8.93 14.05
N PRO A 13 -4.46 -10.19 14.53
CA PRO A 13 -3.10 -10.74 14.47
C PRO A 13 -2.56 -10.93 13.04
N THR A 14 -3.45 -11.09 12.05
CA THR A 14 -3.07 -11.28 10.63
C THR A 14 -2.22 -10.07 10.12
N LEU A 15 -2.46 -8.90 10.68
CA LEU A 15 -1.70 -7.69 10.26
C LEU A 15 -0.28 -7.68 10.73
N ARG A 16 0.08 -8.52 11.70
CA ARG A 16 1.42 -8.63 12.21
C ARG A 16 2.19 -9.93 11.82
N GLN A 17 1.61 -10.75 10.99
CA GLN A 17 2.25 -11.91 10.45
C GLN A 17 3.11 -11.55 9.26
N LYS A 18 3.93 -12.46 8.88
CA LYS A 18 4.65 -12.36 7.61
C LYS A 18 3.89 -13.13 6.55
N ALA A 19 3.41 -12.43 5.53
CA ALA A 19 2.66 -13.07 4.51
C ALA A 19 3.44 -14.05 3.62
N ALA A 20 2.74 -15.07 3.15
CA ALA A 20 3.39 -16.15 2.41
C ALA A 20 3.54 -15.80 0.97
N GLU A 21 4.69 -16.23 0.43
CA GLU A 21 4.97 -16.17 -1.00
C GLU A 21 3.93 -16.95 -1.80
N LEU A 22 3.47 -16.37 -2.87
CA LEU A 22 2.60 -17.05 -3.84
C LEU A 22 3.39 -17.93 -4.77
N GLU A 23 2.79 -19.12 -4.99
CA GLU A 23 3.18 -19.99 -6.09
C GLU A 23 2.53 -19.53 -7.38
N LEU A 24 3.32 -19.54 -8.45
CA LEU A 24 2.80 -19.22 -9.78
C LEU A 24 2.67 -20.52 -10.60
N PRO A 25 1.67 -20.62 -11.46
CA PRO A 25 0.55 -19.66 -11.58
C PRO A 25 -0.37 -19.51 -10.35
N LEU A 26 -1.02 -18.36 -10.28
CA LEU A 26 -2.06 -18.13 -9.27
C LEU A 26 -3.22 -19.06 -9.54
N THR A 27 -3.89 -19.45 -8.48
CA THR A 27 -5.23 -20.06 -8.64
C THR A 27 -6.25 -19.08 -9.13
N LYS A 28 -7.35 -19.60 -9.69
CA LYS A 28 -8.43 -18.74 -10.06
C LYS A 28 -8.96 -17.93 -8.90
N GLU A 29 -9.03 -18.53 -7.71
CA GLU A 29 -9.44 -17.80 -6.57
C GLU A 29 -8.49 -16.63 -6.18
N GLU A 30 -7.21 -16.90 -6.28
CA GLU A 30 -6.15 -15.88 -5.96
C GLU A 30 -6.28 -14.70 -6.94
N LYS A 31 -6.46 -15.03 -8.21
CA LYS A 31 -6.76 -13.97 -9.26
C LYS A 31 -7.96 -13.14 -8.92
N GLU A 32 -9.08 -13.79 -8.55
CA GLU A 32 -10.25 -13.10 -8.17
C GLU A 32 -10.07 -12.20 -7.00
N THR A 33 -9.30 -12.65 -6.00
CA THR A 33 -9.00 -11.87 -4.84
C THR A 33 -8.28 -10.56 -5.23
N LEU A 34 -7.26 -10.74 -6.07
CA LEU A 34 -6.45 -9.58 -6.42
C LEU A 34 -7.24 -8.60 -7.23
N ILE A 35 -8.00 -9.11 -8.20
CA ILE A 35 -8.92 -8.25 -8.95
C ILE A 35 -9.92 -7.48 -8.10
N ALA A 36 -10.46 -8.18 -7.05
CA ALA A 36 -11.36 -7.56 -6.08
C ALA A 36 -10.73 -6.50 -5.22
N MET A 37 -9.45 -6.72 -4.88
CA MET A 37 -8.70 -5.71 -4.15
C MET A 37 -8.59 -4.40 -4.95
N ARG A 38 -8.15 -4.54 -6.19
CA ARG A 38 -8.10 -3.41 -7.11
C ARG A 38 -9.51 -2.73 -7.24
N GLU A 39 -10.55 -3.57 -7.37
CA GLU A 39 -11.92 -3.08 -7.61
C GLU A 39 -12.42 -2.30 -6.35
N PHE A 40 -11.94 -2.69 -5.14
CA PHE A 40 -12.18 -1.93 -3.95
C PHE A 40 -11.63 -0.55 -4.03
N LEU A 41 -10.42 -0.45 -4.58
CA LEU A 41 -9.81 0.87 -4.68
C LEU A 41 -10.50 1.77 -5.68
N VAL A 42 -10.86 1.20 -6.79
CA VAL A 42 -11.65 1.87 -7.84
C VAL A 42 -12.93 2.41 -7.20
N ASN A 43 -13.68 1.52 -6.54
CA ASN A 43 -14.86 1.97 -5.78
C ASN A 43 -14.67 3.00 -4.76
N SER A 44 -13.62 2.85 -3.93
CA SER A 44 -13.30 3.80 -2.91
C SER A 44 -13.02 5.24 -3.40
N GLN A 45 -12.57 5.38 -4.65
CA GLN A 45 -12.21 6.61 -5.21
C GLN A 45 -13.34 7.24 -6.04
N ASP A 46 -14.40 6.49 -6.31
CA ASP A 46 -15.58 6.99 -7.01
C ASP A 46 -16.51 7.59 -5.95
N GLU A 47 -16.72 8.88 -6.06
CA GLU A 47 -17.46 9.57 -5.00
C GLU A 47 -18.88 9.00 -4.71
N GLU A 48 -19.63 8.66 -5.74
CA GLU A 48 -20.99 8.21 -5.55
C GLU A 48 -21.02 6.78 -4.94
N ILE A 49 -20.14 5.90 -5.43
CA ILE A 49 -20.04 4.51 -4.95
C ILE A 49 -19.53 4.54 -3.51
N ALA A 50 -18.45 5.23 -3.26
CA ALA A 50 -17.91 5.31 -1.92
C ALA A 50 -18.95 5.83 -0.92
N LYS A 51 -19.77 6.79 -1.34
CA LYS A 51 -20.75 7.32 -0.38
C LYS A 51 -21.82 6.23 -0.14
N ARG A 52 -22.26 5.57 -1.22
CA ARG A 52 -23.37 4.58 -1.17
C ARG A 52 -22.98 3.34 -0.32
N TYR A 53 -21.71 2.97 -0.39
CA TYR A 53 -21.22 1.81 0.39
C TYR A 53 -20.38 2.09 1.55
N GLY A 54 -20.34 3.36 1.97
CA GLY A 54 -19.55 3.80 3.09
C GLY A 54 -18.04 3.56 3.06
N LEU A 55 -17.47 3.76 1.90
CA LEU A 55 -15.97 3.45 1.74
C LEU A 55 -15.07 4.61 2.05
N ARG A 56 -13.95 4.33 2.73
CA ARG A 56 -12.88 5.31 2.90
C ARG A 56 -11.97 5.23 1.64
N SER A 57 -11.55 6.37 1.11
CA SER A 57 -10.78 6.40 -0.16
C SER A 57 -9.36 5.87 0.12
N GLY A 58 -8.88 4.97 -0.73
CA GLY A 58 -7.53 4.42 -0.59
C GLY A 58 -6.85 4.35 -1.96
N VAL A 59 -5.53 4.37 -1.88
CA VAL A 59 -4.71 4.20 -3.09
C VAL A 59 -3.93 2.91 -3.10
N GLY A 60 -4.00 2.11 -2.05
CA GLY A 60 -3.27 0.83 -2.02
C GLY A 60 -3.99 -0.13 -1.07
N LEU A 61 -3.80 -1.43 -1.30
CA LEU A 61 -4.42 -2.45 -0.45
C LEU A 61 -3.57 -3.69 -0.54
N ALA A 62 -3.27 -4.27 0.60
CA ALA A 62 -2.43 -5.46 0.68
C ALA A 62 -3.36 -6.64 1.17
N ALA A 63 -3.09 -7.84 0.70
CA ALA A 63 -3.95 -8.98 1.03
C ALA A 63 -4.13 -9.21 2.53
N PRO A 64 -3.11 -9.00 3.36
CA PRO A 64 -3.33 -9.18 4.81
C PRO A 64 -4.41 -8.30 5.34
N GLN A 65 -4.67 -7.15 4.70
CA GLN A 65 -5.70 -6.27 5.18
C GLN A 65 -7.12 -6.82 5.02
N ILE A 66 -7.32 -7.81 4.18
CA ILE A 66 -8.57 -8.53 4.05
C ILE A 66 -8.46 -9.97 4.58
N ASN A 67 -7.49 -10.15 5.48
CA ASN A 67 -7.25 -11.38 6.23
C ASN A 67 -6.78 -12.49 5.39
N ILE A 68 -6.01 -12.16 4.35
CA ILE A 68 -5.42 -13.19 3.47
C ILE A 68 -3.89 -13.01 3.55
N SER A 69 -3.17 -13.93 4.22
CA SER A 69 -1.80 -13.74 4.58
C SER A 69 -0.91 -14.22 3.41
N LYS A 70 -1.04 -13.51 2.29
CA LYS A 70 -0.33 -13.83 1.01
C LYS A 70 0.26 -12.52 0.43
N ARG A 71 1.32 -12.68 -0.32
CA ARG A 71 2.14 -11.52 -0.73
C ARG A 71 1.59 -10.99 -2.07
N MET A 72 0.48 -10.35 -1.97
CA MET A 72 -0.18 -9.67 -3.13
C MET A 72 -0.65 -8.32 -2.72
N ILE A 73 -0.49 -7.34 -3.62
CA ILE A 73 -0.88 -5.93 -3.34
C ILE A 73 -1.55 -5.35 -4.60
N ALA A 74 -2.37 -4.36 -4.36
CA ALA A 74 -2.96 -3.50 -5.45
C ALA A 74 -2.72 -2.07 -5.12
N VAL A 75 -2.29 -1.34 -6.14
CA VAL A 75 -2.03 0.10 -5.98
C VAL A 75 -2.72 0.79 -7.17
N LEU A 76 -3.42 1.83 -6.80
CA LEU A 76 -4.24 2.64 -7.74
C LEU A 76 -4.14 4.11 -7.38
N ILE A 77 -3.23 4.81 -8.04
CA ILE A 77 -2.98 6.20 -7.84
C ILE A 77 -3.38 6.97 -9.06
N PRO A 78 -4.39 7.85 -8.94
CA PRO A 78 -4.86 8.50 -10.17
C PRO A 78 -3.92 9.60 -10.56
N ASP A 79 -4.07 10.02 -11.80
CA ASP A 79 -3.26 11.13 -12.35
C ASP A 79 -3.42 12.41 -11.46
N ASP A 80 -2.30 12.92 -10.97
CA ASP A 80 -2.27 14.11 -10.16
C ASP A 80 -2.03 15.38 -11.03
N GLY A 81 -2.38 15.35 -12.31
CA GLY A 81 -2.04 16.45 -13.20
C GLY A 81 -0.78 16.28 -14.02
N SER A 82 0.18 15.45 -13.58
CA SER A 82 1.39 15.17 -14.42
C SER A 82 1.15 14.29 -15.64
N GLY A 83 0.00 13.62 -15.74
CA GLY A 83 -0.12 12.50 -16.69
C GLY A 83 0.47 11.20 -16.11
N LYS A 84 1.05 11.25 -14.89
CA LYS A 84 1.56 9.93 -14.28
C LYS A 84 0.42 9.35 -13.43
N SER A 85 0.15 8.11 -13.64
CA SER A 85 -0.84 7.39 -12.84
C SER A 85 -0.30 5.96 -12.70
N TYR A 86 -0.77 5.28 -11.65
CA TYR A 86 -0.22 3.94 -11.30
C TYR A 86 -1.38 3.01 -11.07
N ASP A 87 -1.46 1.92 -11.82
CA ASP A 87 -2.51 0.94 -11.62
C ASP A 87 -1.88 -0.43 -11.77
N TYR A 88 -1.54 -1.05 -10.64
CA TYR A 88 -0.75 -2.27 -10.62
C TYR A 88 -1.37 -3.27 -9.63
N MET A 89 -1.45 -4.49 -10.05
CA MET A 89 -1.70 -5.62 -9.14
C MET A 89 -0.44 -6.46 -9.13
N LEU A 90 0.26 -6.52 -8.02
CA LEU A 90 1.51 -7.22 -7.99
C LEU A 90 1.47 -8.49 -7.07
N VAL A 91 2.17 -9.51 -7.52
CA VAL A 91 2.39 -10.76 -6.79
C VAL A 91 3.84 -10.90 -6.42
N ASN A 92 4.15 -11.27 -5.16
CA ASN A 92 5.49 -11.43 -4.67
C ASN A 92 6.39 -10.19 -4.94
N PRO A 93 5.85 -8.99 -4.68
CA PRO A 93 6.74 -7.78 -4.87
C PRO A 93 7.91 -7.75 -3.90
N LYS A 94 9.08 -7.34 -4.42
CA LYS A 94 10.25 -7.19 -3.56
C LYS A 94 10.97 -5.90 -3.96
N ILE A 95 11.38 -5.13 -2.98
CA ILE A 95 12.31 -4.00 -3.24
C ILE A 95 13.70 -4.52 -3.41
N VAL A 96 14.31 -4.37 -4.57
CA VAL A 96 15.63 -4.94 -4.85
C VAL A 96 16.73 -3.88 -4.70
N SER A 97 16.29 -2.61 -4.76
CA SER A 97 17.31 -1.51 -4.58
C SER A 97 16.55 -0.22 -4.22
N HIS A 98 17.27 0.70 -3.53
CA HIS A 98 16.60 1.95 -3.18
C HIS A 98 17.66 3.04 -2.95
N SER A 99 17.16 4.30 -2.96
CA SER A 99 17.98 5.43 -2.63
C SER A 99 18.34 5.41 -1.15
N VAL A 100 19.41 6.10 -0.86
CA VAL A 100 19.78 6.44 0.53
C VAL A 100 18.91 7.59 0.96
N GLN A 101 18.66 8.50 0.07
CA GLN A 101 17.81 9.71 0.40
C GLN A 101 16.38 9.31 0.77
N GLU A 102 15.84 9.90 1.86
CA GLU A 102 14.51 9.66 2.29
C GLU A 102 13.46 10.66 1.71
N ALA A 103 12.19 10.32 1.96
CA ALA A 103 11.03 11.09 1.43
C ALA A 103 9.92 10.92 2.52
N TYR A 104 9.11 11.94 2.69
CA TYR A 104 7.94 11.79 3.61
C TYR A 104 6.81 12.67 3.12
N LEU A 105 5.57 12.21 3.37
CA LEU A 105 4.36 13.01 3.23
C LEU A 105 4.30 13.96 4.46
N PRO A 106 4.01 15.24 4.21
CA PRO A 106 4.19 16.21 5.31
C PRO A 106 3.06 16.11 6.34
N THR A 107 1.94 15.49 6.02
CA THR A 107 0.93 15.24 7.11
C THR A 107 0.97 13.84 7.67
N GLY A 108 1.97 13.05 7.34
CA GLY A 108 2.01 11.64 7.78
C GLY A 108 1.26 10.74 6.83
N GLU A 109 0.83 9.58 7.33
CA GLU A 109 0.09 8.62 6.58
C GLU A 109 -1.15 8.15 7.31
N GLY A 110 -2.03 7.56 6.54
CA GLY A 110 -3.25 6.89 7.07
C GLY A 110 -3.41 5.53 6.42
N CSD A 111 -4.27 4.72 7.02
CA CSD A 111 -4.43 3.31 6.65
CB CSD A 111 -3.46 2.56 7.60
SG CSD A 111 -3.20 0.93 7.07
C CSD A 111 -5.88 2.95 6.90
O CSD A 111 -6.44 3.24 7.97
OD1 CSD A 111 -4.44 0.13 7.21
OD2 CSD A 111 -2.24 0.44 8.22
N LEU A 112 -6.48 2.24 5.97
CA LEU A 112 -7.84 1.78 6.14
C LEU A 112 -8.08 0.83 7.32
N SER A 113 -7.01 0.17 7.78
CA SER A 113 -7.08 -0.73 8.93
C SER A 113 -6.97 -0.02 10.28
N VAL A 114 -6.64 1.26 10.26
CA VAL A 114 -6.39 2.04 11.44
C VAL A 114 -7.48 3.14 11.50
N ASP A 115 -8.44 2.98 12.40
CA ASP A 115 -9.60 3.82 12.41
C ASP A 115 -9.29 5.25 12.83
N ASP A 116 -8.34 5.43 13.74
CA ASP A 116 -7.96 6.74 14.22
C ASP A 116 -6.65 7.18 13.59
N ASN A 117 -6.59 8.46 13.21
CA ASN A 117 -5.32 9.07 12.76
C ASN A 117 -4.20 9.02 13.77
N VAL A 118 -2.96 8.84 13.28
CA VAL A 118 -1.80 8.88 14.15
C VAL A 118 -0.90 9.91 13.56
N ALA A 119 -0.52 10.88 14.38
CA ALA A 119 0.30 11.95 13.91
C ALA A 119 1.81 11.50 13.82
N GLY A 120 2.49 12.02 12.81
CA GLY A 120 3.95 11.91 12.75
C GLY A 120 4.46 11.53 11.34
N LEU A 121 5.66 11.98 11.05
CA LEU A 121 6.21 11.70 9.70
C LEU A 121 6.65 10.25 9.63
N VAL A 122 6.47 9.75 8.39
CA VAL A 122 6.84 8.35 8.06
C VAL A 122 7.92 8.46 6.93
N HIS A 123 9.15 8.38 7.37
CA HIS A 123 10.28 8.53 6.44
C HIS A 123 10.49 7.19 5.70
N ARG A 124 10.49 7.27 4.40
CA ARG A 124 10.67 6.06 3.54
C ARG A 124 11.76 6.41 2.53
N HIS A 125 12.14 5.44 1.67
CA HIS A 125 13.10 5.83 0.62
C HIS A 125 12.47 6.65 -0.49
N ASN A 126 13.14 7.70 -0.98
CA ASN A 126 12.61 8.51 -2.09
C ASN A 126 12.50 7.76 -3.36
N ARG A 127 13.44 6.85 -3.62
CA ARG A 127 13.45 6.06 -4.83
C ARG A 127 13.60 4.60 -4.49
N ILE A 128 12.82 3.78 -5.22
CA ILE A 128 12.91 2.33 -5.07
C ILE A 128 12.86 1.67 -6.47
N THR A 129 13.36 0.46 -6.52
CA THR A 129 13.17 -0.47 -7.66
C THR A 129 12.52 -1.74 -7.09
N ILE A 130 11.43 -2.12 -7.72
CA ILE A 130 10.67 -3.33 -7.31
C ILE A 130 10.77 -4.35 -8.44
N LYS A 131 10.92 -5.61 -8.07
CA LYS A 131 10.71 -6.73 -9.01
C LYS A 131 9.48 -7.48 -8.47
N ALA A 132 8.54 -7.81 -9.36
CA ALA A 132 7.36 -8.55 -8.98
C ALA A 132 6.91 -9.35 -10.20
N LYS A 133 5.88 -10.19 -9.94
CA LYS A 133 5.05 -10.78 -10.99
C LYS A 133 3.73 -10.11 -11.11
N ASP A 134 3.10 -10.13 -12.27
CA ASP A 134 1.75 -9.69 -12.46
C ASP A 134 0.77 -10.86 -12.26
N ILE A 135 -0.48 -10.64 -12.46
CA ILE A 135 -1.55 -11.63 -12.15
C ILE A 135 -1.45 -12.86 -13.06
N GLU A 136 -0.83 -12.69 -14.23
CA GLU A 136 -0.56 -13.78 -15.10
C GLU A 136 0.78 -14.41 -15.00
N GLY A 137 1.58 -14.01 -14.00
CA GLY A 137 2.88 -14.57 -13.77
C GLY A 137 4.03 -14.02 -14.63
N ASN A 138 3.71 -12.95 -15.38
CA ASN A 138 4.75 -12.27 -16.16
C ASN A 138 5.55 -11.34 -15.27
N ASP A 139 6.70 -10.88 -15.75
CA ASP A 139 7.67 -10.22 -14.90
C ASP A 139 7.49 -8.70 -14.99
N ILE A 140 7.46 -8.01 -13.83
CA ILE A 140 7.38 -6.51 -13.85
C ILE A 140 8.53 -5.99 -13.09
N GLN A 141 9.18 -4.91 -13.56
CA GLN A 141 10.19 -4.25 -12.71
C GLN A 141 9.85 -2.76 -12.75
N LEU A 142 9.60 -2.19 -11.59
CA LEU A 142 9.18 -0.77 -11.48
C LEU A 142 10.25 0.09 -10.86
N ARG A 143 10.43 1.28 -11.46
CA ARG A 143 11.27 2.29 -10.91
C ARG A 143 10.37 3.40 -10.45
N LEU A 144 10.38 3.68 -9.18
CA LEU A 144 9.46 4.64 -8.55
C LEU A 144 10.16 5.70 -7.78
N LYS A 145 9.54 6.88 -7.78
CA LYS A 145 10.01 7.98 -6.97
C LYS A 145 8.88 8.77 -6.32
N GLY A 146 9.20 9.28 -5.19
CA GLY A 146 8.33 10.19 -4.46
C GLY A 146 7.01 9.52 -3.99
N TYR A 147 5.86 10.14 -4.27
CA TYR A 147 4.56 9.65 -3.73
C TYR A 147 4.30 8.15 -4.08
N PRO A 148 4.46 7.76 -5.35
CA PRO A 148 4.26 6.30 -5.63
C PRO A 148 5.27 5.41 -4.94
N ALA A 149 6.53 5.83 -4.77
CA ALA A 149 7.47 5.03 -3.99
C ALA A 149 6.93 4.83 -2.55
N ILE A 150 6.50 5.94 -1.95
CA ILE A 150 5.87 5.86 -0.61
C ILE A 150 4.73 4.89 -0.51
N VAL A 151 3.83 4.94 -1.46
CA VAL A 151 2.64 4.10 -1.42
C VAL A 151 3.09 2.61 -1.50
N PHE A 152 3.95 2.30 -2.47
CA PHE A 152 4.35 0.94 -2.60
C PHE A 152 5.13 0.44 -1.37
N GLN A 153 5.95 1.26 -0.73
CA GLN A 153 6.62 0.86 0.49
C GLN A 153 5.58 0.54 1.61
N HIS A 154 4.59 1.40 1.68
CA HIS A 154 3.52 1.19 2.73
C HIS A 154 2.84 -0.15 2.50
N GLU A 155 2.50 -0.47 1.22
CA GLU A 155 1.80 -1.71 0.93
C GLU A 155 2.76 -2.93 1.19
N ILE A 156 3.98 -2.88 0.71
CA ILE A 156 4.91 -3.95 0.95
C ILE A 156 5.17 -4.13 2.45
N ASP A 157 5.23 -3.04 3.19
CA ASP A 157 5.37 -3.18 4.69
C ASP A 157 4.29 -4.10 5.30
N HIS A 158 3.06 -4.03 4.77
CA HIS A 158 1.93 -4.85 5.33
C HIS A 158 2.29 -6.36 5.17
N LEU A 159 3.06 -6.75 4.12
CA LEU A 159 3.42 -8.10 3.83
C LEU A 159 4.41 -8.67 4.84
N ASN A 160 5.09 -7.76 5.54
CA ASN A 160 6.09 -8.10 6.54
C ASN A 160 5.58 -7.85 7.92
N GLY A 161 4.29 -7.55 8.06
CA GLY A 161 3.73 -7.30 9.32
C GLY A 161 4.11 -5.96 9.95
N VAL A 162 4.45 -4.96 9.13
CA VAL A 162 4.84 -3.63 9.62
C VAL A 162 3.73 -2.63 9.28
N MET A 163 3.41 -1.80 10.26
CA MET A 163 2.43 -0.75 10.10
C MET A 163 3.10 0.60 10.05
N PHE A 164 2.42 1.57 9.41
CA PHE A 164 3.06 2.87 9.18
C PHE A 164 3.60 3.54 10.44
N TYR A 165 2.79 3.43 11.53
CA TYR A 165 3.13 4.07 12.75
C TYR A 165 4.29 3.45 13.43
N ASP A 166 4.72 2.31 12.99
CA ASP A 166 5.97 1.75 13.50
C ASP A 166 7.17 2.62 13.19
N HIS A 167 7.05 3.42 12.13
CA HIS A 167 8.14 4.27 11.68
C HIS A 167 8.20 5.65 12.38
N ILE A 168 7.20 5.97 13.21
CA ILE A 168 7.09 7.33 13.75
C ILE A 168 8.00 7.46 14.94
N ASP A 169 8.75 8.55 14.98
CA ASP A 169 9.69 8.88 16.08
C ASP A 169 8.85 9.38 17.27
N LYS A 170 8.78 8.62 18.33
CA LYS A 170 7.91 8.97 19.48
C LYS A 170 8.39 10.28 20.22
N ASN A 171 9.68 10.54 20.26
CA ASN A 171 10.17 11.85 20.76
C ASN A 171 9.84 13.06 19.90
N HIS A 172 10.19 12.96 18.62
CA HIS A 172 10.12 14.12 17.69
C HIS A 172 9.33 13.69 16.45
N PRO A 173 8.04 13.43 16.66
CA PRO A 173 7.25 12.81 15.54
C PRO A 173 7.12 13.65 14.34
N LEU A 174 7.20 14.98 14.47
CA LEU A 174 7.06 15.85 13.32
C LEU A 174 8.34 16.46 12.79
N GLN A 175 9.48 16.03 13.31
CA GLN A 175 10.78 16.52 12.86
C GLN A 175 11.29 15.77 11.57
N PRO A 176 11.38 16.47 10.43
CA PRO A 176 11.95 15.89 9.23
C PRO A 176 13.38 15.56 9.41
N HIS A 177 13.77 14.46 8.79
CA HIS A 177 15.13 14.07 8.74
C HIS A 177 15.85 15.01 7.76
N THR A 178 17.08 15.31 8.12
CA THR A 178 17.94 16.15 7.29
C THR A 178 18.06 15.58 5.85
N ASP A 179 17.86 16.43 4.85
CA ASP A 179 17.90 16.09 3.40
C ASP A 179 16.77 15.21 2.91
N ALA A 180 15.79 14.87 3.78
CA ALA A 180 14.65 14.13 3.29
C ALA A 180 13.81 15.01 2.37
N VAL A 181 13.24 14.40 1.36
CA VAL A 181 12.37 15.09 0.44
C VAL A 181 10.96 15.18 1.06
N GLU A 182 10.40 16.41 1.12
CA GLU A 182 8.99 16.57 1.35
C GLU A 182 8.22 16.32 0.09
N VAL A 183 7.39 15.29 0.08
CA VAL A 183 6.54 14.98 -1.04
C VAL A 183 5.15 15.67 -0.96
N FME B 1 -3.52 1.99 2.00
CN FME B 1 -4.46 1.24 2.67
O1 FME B 1 -5.09 1.59 3.62
CA FME B 1 -3.09 3.31 2.37
CB FME B 1 -1.84 3.68 1.56
CG FME B 1 -1.35 5.00 2.12
SD FME B 1 0.31 5.29 1.59
CE FME B 1 0.47 7.02 1.74
C FME B 1 -4.15 4.34 2.03
O FME B 1 -4.66 4.37 0.87
N ALA B 2 -4.44 5.24 2.99
CA ALA B 2 -5.48 6.23 2.76
C ALA B 2 -5.09 7.28 1.73
N SER B 3 -6.08 7.63 0.89
CA SER B 3 -5.96 8.72 -0.08
C SER B 3 -5.72 10.04 0.66
MG MG C . -2.19 0.58 5.30
#